data_8FKF
#
_entry.id   8FKF
#
_cell.length_a   61.765
_cell.length_b   61.765
_cell.length_c   161.084
_cell.angle_alpha   90.000
_cell.angle_beta   90.000
_cell.angle_gamma   90.000
#
_symmetry.space_group_name_H-M   'P 41 21 2'
#
loop_
_entity.id
_entity.type
_entity.pdbx_description
1 polymer 'Peroxisome proliferator-activated receptor gamma'
2 polymer 'Nuclear receptor corepressor 1'
3 non-polymer 2-chloro-N-(5-fluoropyridin-3-yl)-5-nitrobenzamide
4 non-polymer 1,2-ETHANEDIOL
5 non-polymer GLYCEROL
6 water water
#
loop_
_entity_poly.entity_id
_entity_poly.type
_entity_poly.pdbx_seq_one_letter_code
_entity_poly.pdbx_strand_id
1 'polypeptide(L)'
;GQLNPESADLRALAKHLYDSYIKSFPLTKAKARAILTGKTTDKSPFVIYDMNSLMMGEDKIKFKHITPLQEQSKEVAIRI
FQGCQFRSVEAVQEITEYAKSIPGFVNLDLNDQVTLLKYGVHEIIYTMLASLMNKDGVLISEGQGFMTREFLKSLRKPFG
DFMEPKFEFAVKFNALELDDSDLAIFIAVIILSGDRPGLLNVKPIEDIQDNLLQALELQLKLNHPESSQLFAKLLQKMTD
LRQIVTEHVQLLQVIKKTETDMSLHPLLQEIYKDLY
;
A
2 'polypeptide(L)' DPASNLGLEDIIRKALMGSFDDK D
#
# COMPACT_ATOMS: atom_id res chain seq x y z
N GLY A 1 -16.88 -26.71 -5.54
CA GLY A 1 -17.53 -25.46 -5.90
C GLY A 1 -18.68 -25.66 -6.87
N GLN A 2 -19.75 -24.90 -6.67
CA GLN A 2 -20.87 -24.90 -7.60
C GLN A 2 -21.26 -23.46 -7.90
N LEU A 3 -21.83 -23.25 -9.07
CA LEU A 3 -22.42 -21.97 -9.47
C LEU A 3 -23.82 -21.94 -8.88
N ASN A 4 -23.97 -21.28 -7.74
CA ASN A 4 -25.27 -21.21 -7.08
C ASN A 4 -25.53 -19.77 -6.65
N PRO A 5 -26.69 -19.46 -6.05
CA PRO A 5 -26.94 -18.05 -5.68
C PRO A 5 -25.84 -17.43 -4.82
N GLU A 6 -25.28 -18.16 -3.84
CA GLU A 6 -24.26 -17.52 -3.02
C GLU A 6 -22.99 -17.26 -3.83
N SER A 7 -22.62 -18.16 -4.75
CA SER A 7 -21.40 -17.89 -5.52
C SER A 7 -21.60 -16.73 -6.49
N ALA A 8 -22.78 -16.63 -7.10
CA ALA A 8 -23.08 -15.45 -7.90
C ALA A 8 -23.05 -14.17 -7.07
N ASP A 9 -23.54 -14.22 -5.83
CA ASP A 9 -23.51 -13.02 -4.99
C ASP A 9 -22.08 -12.63 -4.69
N LEU A 10 -21.20 -13.63 -4.52
CA LEU A 10 -19.79 -13.33 -4.25
C LEU A 10 -19.12 -12.75 -5.47
N ARG A 11 -19.52 -13.18 -6.66
CA ARG A 11 -18.99 -12.57 -7.86
C ARG A 11 -19.50 -11.14 -8.02
N ALA A 12 -20.76 -10.89 -7.64
CA ALA A 12 -21.29 -9.53 -7.73
C ALA A 12 -20.57 -8.62 -6.74
N LEU A 13 -20.24 -9.14 -5.56
CA LEU A 13 -19.47 -8.37 -4.58
C LEU A 13 -18.09 -8.04 -5.11
N ALA A 14 -17.41 -9.04 -5.66
CA ALA A 14 -16.10 -8.82 -6.26
C ALA A 14 -16.15 -7.75 -7.33
N LYS A 15 -17.18 -7.77 -8.17
CA LYS A 15 -17.32 -6.77 -9.22
C LYS A 15 -17.58 -5.39 -8.63
N HIS A 16 -18.49 -5.32 -7.65
CA HIS A 16 -18.77 -4.05 -6.99
C HIS A 16 -17.48 -3.44 -6.45
N LEU A 17 -16.69 -4.26 -5.73
CA LEU A 17 -15.43 -3.77 -5.16
C LEU A 17 -14.45 -3.38 -6.25
N TYR A 18 -14.32 -4.20 -7.29
CA TYR A 18 -13.45 -3.81 -8.40
C TYR A 18 -13.88 -2.48 -9.01
N ASP A 19 -15.18 -2.30 -9.27
CA ASP A 19 -15.60 -1.04 -9.87
C ASP A 19 -15.30 0.13 -8.95
N SER A 20 -15.54 -0.03 -7.65
CA SER A 20 -15.27 1.03 -6.70
CA SER A 20 -15.26 1.02 -6.69
C SER A 20 -13.78 1.32 -6.61
N TYR A 21 -12.96 0.26 -6.62
CA TYR A 21 -11.51 0.40 -6.59
C TYR A 21 -11.00 1.20 -7.77
N ILE A 22 -11.51 0.92 -8.97
CA ILE A 22 -11.10 1.69 -10.14
C ILE A 22 -11.51 3.15 -9.98
N LYS A 23 -12.69 3.39 -9.38
CA LYS A 23 -13.14 4.76 -9.23
C LYS A 23 -12.34 5.48 -8.17
N SER A 24 -11.83 4.75 -7.18
CA SER A 24 -11.20 5.38 -6.03
C SER A 24 -9.71 5.60 -6.21
N PHE A 25 -9.04 4.71 -6.95
CA PHE A 25 -7.58 4.71 -7.04
C PHE A 25 -7.19 4.94 -8.50
N PRO A 26 -6.90 6.18 -8.88
CA PRO A 26 -6.46 6.43 -10.27
C PRO A 26 -5.19 5.68 -10.66
N LEU A 27 -4.24 5.50 -9.75
CA LEU A 27 -3.02 4.78 -10.07
C LEU A 27 -3.25 3.30 -9.77
N THR A 28 -3.46 2.51 -10.79
CA THR A 28 -3.70 1.07 -10.61
C THR A 28 -2.41 0.28 -10.73
N LYS A 29 -2.47 -0.99 -10.33
CA LYS A 29 -1.33 -1.86 -10.56
C LYS A 29 -1.04 -2.01 -12.04
N ALA A 30 -2.08 -2.16 -12.87
CA ALA A 30 -1.85 -2.29 -14.31
C ALA A 30 -1.07 -1.09 -14.85
N LYS A 31 -1.45 0.13 -14.45
CA LYS A 31 -0.74 1.31 -14.94
C LYS A 31 0.72 1.28 -14.52
N ALA A 32 0.97 0.92 -13.26
CA ALA A 32 2.34 0.86 -12.73
C ALA A 32 3.17 -0.22 -13.44
N ARG A 33 2.58 -1.40 -13.68
CA ARG A 33 3.33 -2.46 -14.38
C ARG A 33 3.61 -2.08 -15.82
N ALA A 34 2.67 -1.40 -16.47
CA ALA A 34 2.93 -0.97 -17.84
C ALA A 34 4.13 -0.04 -17.89
N ILE A 35 4.27 0.84 -16.89
CA ILE A 35 5.44 1.71 -16.86
C ILE A 35 6.70 0.90 -16.63
N LEU A 36 6.66 0.01 -15.65
CA LEU A 36 7.84 -0.73 -15.23
C LEU A 36 8.35 -1.69 -16.30
N THR A 37 7.46 -2.26 -17.11
CA THR A 37 7.87 -3.22 -18.14
C THR A 37 8.09 -2.57 -19.49
N GLY A 38 8.15 -1.25 -19.56
CA GLY A 38 8.46 -0.61 -20.81
C GLY A 38 7.33 -0.69 -21.82
N LYS A 39 6.15 -0.19 -21.44
CA LYS A 39 5.06 -0.07 -22.41
C LYS A 39 4.33 1.27 -22.38
N THR A 40 4.44 2.07 -21.33
CA THR A 40 3.84 3.41 -21.34
C THR A 40 4.82 4.37 -22.02
N THR A 41 4.88 4.23 -23.34
CA THR A 41 5.70 5.12 -24.16
C THR A 41 5.35 6.58 -23.94
N ASP A 42 4.13 6.86 -23.49
CA ASP A 42 3.76 8.20 -23.09
C ASP A 42 4.69 8.76 -22.03
N LYS A 43 5.18 7.91 -21.12
CA LYS A 43 5.93 8.36 -19.93
C LYS A 43 7.06 7.37 -19.65
N SER A 44 8.24 7.64 -20.20
CA SER A 44 9.42 6.84 -19.90
C SER A 44 10.16 7.45 -18.72
N PRO A 45 10.13 6.84 -17.53
CA PRO A 45 10.76 7.45 -16.36
C PRO A 45 12.28 7.57 -16.49
N PHE A 46 12.82 8.61 -15.88
CA PHE A 46 14.26 8.77 -15.79
C PHE A 46 14.80 7.88 -14.69
N VAL A 47 15.96 7.26 -14.92
CA VAL A 47 16.50 6.30 -13.95
C VAL A 47 17.55 6.97 -13.07
N ILE A 48 17.35 6.92 -11.77
CA ILE A 48 18.30 7.48 -10.81
C ILE A 48 18.97 6.30 -10.12
N TYR A 49 20.27 6.14 -10.37
CA TYR A 49 20.95 4.92 -9.95
C TYR A 49 22.24 5.19 -9.21
N ASP A 50 22.64 6.45 -9.07
CA ASP A 50 23.87 6.84 -8.39
C ASP A 50 23.81 8.34 -8.17
N MET A 51 24.84 8.88 -7.51
CA MET A 51 24.86 10.31 -7.24
C MET A 51 24.95 11.13 -8.53
N ASN A 52 25.68 10.65 -9.53
CA ASN A 52 25.80 11.42 -10.75
C ASN A 52 24.45 11.59 -11.44
N SER A 53 23.75 10.47 -11.67
CA SER A 53 22.45 10.52 -12.30
C SER A 53 21.43 11.25 -11.44
N LEU A 54 21.55 11.15 -10.11
CA LEU A 54 20.71 11.94 -9.22
C LEU A 54 20.78 13.43 -9.57
N MET A 55 21.99 13.95 -9.78
CA MET A 55 22.12 15.37 -10.14
C MET A 55 21.61 15.66 -11.54
N MET A 56 21.83 14.74 -12.49
CA MET A 56 21.30 14.93 -13.83
C MET A 56 19.78 14.95 -13.85
N GLY A 57 19.12 14.36 -12.84
CA GLY A 57 17.68 14.34 -12.82
C GLY A 57 17.04 15.47 -12.03
N GLU A 58 17.82 16.52 -11.73
CA GLU A 58 17.32 17.57 -10.84
C GLU A 58 16.00 18.17 -11.33
N ASP A 59 15.90 18.44 -12.64
CA ASP A 59 14.70 19.08 -13.16
C ASP A 59 13.46 18.19 -13.06
N LYS A 60 13.65 16.86 -13.05
CA LYS A 60 12.52 15.93 -13.01
C LYS A 60 12.05 15.61 -11.59
N ILE A 61 12.58 16.28 -10.57
CA ILE A 61 12.24 15.93 -9.19
C ILE A 61 11.44 17.04 -8.49
N GLU A 75 15.41 17.92 11.86
CA GLU A 75 16.12 16.68 11.58
C GLU A 75 15.68 16.15 10.23
N VAL A 76 16.65 15.63 9.47
CA VAL A 76 16.37 15.28 8.08
C VAL A 76 15.32 14.17 7.99
N ALA A 77 15.54 13.09 8.74
CA ALA A 77 14.64 11.94 8.63
C ALA A 77 13.23 12.28 9.10
N ILE A 78 13.11 13.07 10.17
CA ILE A 78 11.77 13.45 10.62
C ILE A 78 11.08 14.30 9.57
N ARG A 79 11.83 15.20 8.93
CA ARG A 79 11.27 15.99 7.84
C ARG A 79 10.85 15.12 6.66
N ILE A 80 11.64 14.08 6.37
CA ILE A 80 11.21 13.14 5.34
C ILE A 80 9.87 12.52 5.74
N PHE A 81 9.76 12.04 6.98
CA PHE A 81 8.53 11.36 7.39
C PHE A 81 7.35 12.33 7.41
N GLN A 82 7.58 13.55 7.89
CA GLN A 82 6.53 14.56 7.83
C GLN A 82 6.08 14.80 6.40
N GLY A 83 7.05 14.88 5.47
CA GLY A 83 6.72 15.15 4.08
C GLY A 83 6.03 13.98 3.38
N CYS A 84 6.50 12.76 3.60
CA CYS A 84 5.82 11.63 2.98
C CYS A 84 4.45 11.40 3.61
N GLN A 85 4.29 11.70 4.89
CA GLN A 85 2.95 11.58 5.45
C GLN A 85 2.03 12.62 4.82
N PHE A 86 2.52 13.84 4.62
CA PHE A 86 1.69 14.85 3.97
C PHE A 86 1.33 14.42 2.56
N ARG A 87 2.28 13.86 1.82
CA ARG A 87 2.01 13.44 0.45
C ARG A 87 1.11 12.22 0.40
N SER A 88 1.00 11.50 1.50
CA SER A 88 0.12 10.32 1.56
C SER A 88 -1.30 10.65 1.99
N VAL A 89 -1.61 11.92 2.20
CA VAL A 89 -2.98 12.29 2.57
C VAL A 89 -3.96 11.88 1.48
N GLU A 90 -3.61 12.12 0.21
CA GLU A 90 -4.49 11.73 -0.89
C GLU A 90 -4.77 10.23 -0.85
N ALA A 91 -3.72 9.42 -0.63
CA ALA A 91 -3.91 7.97 -0.55
C ALA A 91 -4.85 7.59 0.59
N VAL A 92 -4.66 8.21 1.76
CA VAL A 92 -5.57 7.97 2.88
C VAL A 92 -7.00 8.32 2.49
N GLN A 93 -7.19 9.44 1.80
CA GLN A 93 -8.53 9.84 1.41
C GLN A 93 -9.12 8.86 0.40
N GLU A 94 -8.31 8.42 -0.55
CA GLU A 94 -8.79 7.44 -1.53
C GLU A 94 -9.15 6.12 -0.85
N ILE A 95 -8.33 5.68 0.10
CA ILE A 95 -8.62 4.43 0.80
C ILE A 95 -9.90 4.58 1.62
N THR A 96 -10.10 5.75 2.24
CA THR A 96 -11.33 6.00 3.00
C THR A 96 -12.54 6.00 2.08
N GLU A 97 -12.41 6.60 0.90
CA GLU A 97 -13.52 6.60 -0.04
C GLU A 97 -13.82 5.18 -0.49
N TYR A 98 -12.78 4.39 -0.77
CA TYR A 98 -12.97 3.00 -1.09
C TYR A 98 -13.70 2.26 0.03
N ALA A 99 -13.27 2.46 1.28
CA ALA A 99 -13.92 1.78 2.40
C ALA A 99 -15.42 2.05 2.44
N LYS A 100 -15.86 3.27 2.07
CA LYS A 100 -17.29 3.54 2.12
C LYS A 100 -18.10 2.69 1.17
N SER A 101 -17.46 2.18 0.13
CA SER A 101 -18.13 1.32 -0.85
C SER A 101 -18.23 -0.12 -0.40
N ILE A 102 -17.57 -0.48 0.69
CA ILE A 102 -17.58 -1.87 1.12
C ILE A 102 -18.91 -2.09 1.81
N PRO A 103 -19.76 -3.00 1.32
CA PRO A 103 -21.11 -3.09 1.89
C PRO A 103 -21.06 -3.37 3.38
N GLY A 104 -21.79 -2.56 4.14
CA GLY A 104 -21.83 -2.69 5.57
C GLY A 104 -20.91 -1.76 6.32
N PHE A 105 -19.85 -1.25 5.66
CA PHE A 105 -18.83 -0.50 6.38
C PHE A 105 -19.39 0.76 7.02
N VAL A 106 -20.12 1.57 6.25
CA VAL A 106 -20.61 2.82 6.81
C VAL A 106 -21.72 2.63 7.84
N ASN A 107 -22.25 1.42 7.98
CA ASN A 107 -23.22 1.15 9.04
C ASN A 107 -22.59 0.79 10.36
N LEU A 108 -21.28 0.53 10.39
CA LEU A 108 -20.58 0.28 11.63
C LEU A 108 -20.53 1.54 12.48
N ASP A 109 -20.42 1.33 13.79
CA ASP A 109 -20.05 2.38 14.72
C ASP A 109 -18.93 3.25 14.12
N LEU A 110 -19.16 4.57 14.11
CA LEU A 110 -18.17 5.49 13.50
C LEU A 110 -16.79 5.36 14.14
N ASN A 111 -16.74 5.17 15.47
CA ASN A 111 -15.43 4.99 16.09
C ASN A 111 -14.73 3.76 15.52
N ASP A 112 -15.48 2.69 15.23
CA ASP A 112 -14.86 1.50 14.65
C ASP A 112 -14.42 1.74 13.20
N GLN A 113 -15.20 2.52 12.43
CA GLN A 113 -14.74 2.88 11.08
C GLN A 113 -13.39 3.59 11.14
N VAL A 114 -13.23 4.54 12.06
CA VAL A 114 -11.96 5.27 12.15
C VAL A 114 -10.84 4.35 12.61
N THR A 115 -11.11 3.53 13.62
CA THR A 115 -10.10 2.56 14.08
C THR A 115 -9.67 1.63 12.96
N LEU A 116 -10.62 1.05 12.22
CA LEU A 116 -10.25 0.17 11.12
C LEU A 116 -9.34 0.88 10.13
N LEU A 117 -9.70 2.10 9.75
CA LEU A 117 -8.92 2.82 8.75
C LEU A 117 -7.57 3.26 9.30
N LYS A 118 -7.51 3.70 10.56
CA LYS A 118 -6.24 4.25 11.01
C LYS A 118 -5.18 3.14 11.07
N TYR A 119 -5.59 1.90 11.35
CA TYR A 119 -4.59 0.82 11.29
C TYR A 119 -4.43 0.31 9.87
N GLY A 120 -5.54 0.22 9.12
CA GLY A 120 -5.50 -0.40 7.81
C GLY A 120 -4.74 0.40 6.77
N VAL A 121 -4.77 1.75 6.85
CA VAL A 121 -4.22 2.53 5.73
C VAL A 121 -2.74 2.26 5.54
N HIS A 122 -1.98 2.05 6.62
CA HIS A 122 -0.54 1.82 6.44
C HIS A 122 -0.29 0.51 5.72
N GLU A 123 -1.02 -0.54 6.07
CA GLU A 123 -0.84 -1.82 5.42
C GLU A 123 -1.25 -1.73 3.96
N ILE A 124 -2.30 -0.97 3.67
CA ILE A 124 -2.74 -0.82 2.29
C ILE A 124 -1.76 0.03 1.47
N ILE A 125 -1.18 1.06 2.08
CA ILE A 125 -0.20 1.87 1.35
C ILE A 125 1.01 1.02 0.97
N TYR A 126 1.47 0.17 1.89
CA TYR A 126 2.60 -0.69 1.55
C TYR A 126 2.21 -1.71 0.47
N THR A 127 0.98 -2.19 0.51
CA THR A 127 0.50 -3.09 -0.56
C THR A 127 0.54 -2.38 -1.90
N MET A 128 0.08 -1.14 -1.94
CA MET A 128 0.09 -0.40 -3.19
C MET A 128 1.51 0.03 -3.57
N LEU A 129 2.37 0.24 -2.58
CA LEU A 129 3.77 0.56 -2.91
C LEU A 129 4.41 -0.58 -3.67
N ALA A 130 4.09 -1.83 -3.30
CA ALA A 130 4.65 -2.96 -4.01
C ALA A 130 4.34 -2.91 -5.51
N SER A 131 3.16 -2.39 -5.90
CA SER A 131 2.89 -2.25 -7.33
C SER A 131 3.89 -1.35 -8.04
N LEU A 132 4.46 -0.39 -7.32
CA LEU A 132 5.42 0.53 -7.91
C LEU A 132 6.83 -0.02 -7.92
N MET A 133 7.06 -1.20 -7.37
CA MET A 133 8.39 -1.73 -7.18
C MET A 133 8.63 -2.94 -8.07
N ASN A 134 9.88 -3.09 -8.53
CA ASN A 134 10.32 -4.40 -8.98
C ASN A 134 11.66 -4.68 -8.29
N LYS A 135 12.34 -5.78 -8.65
CA LYS A 135 13.57 -6.11 -7.93
C LYS A 135 14.66 -5.05 -8.12
N ASP A 136 14.53 -4.18 -9.13
CA ASP A 136 15.56 -3.16 -9.45
C ASP A 136 15.30 -1.82 -8.78
N GLY A 137 14.08 -1.50 -8.35
CA GLY A 137 13.84 -0.13 -7.93
C GLY A 137 12.35 0.20 -7.85
N VAL A 138 12.06 1.49 -7.66
CA VAL A 138 10.71 1.94 -7.36
C VAL A 138 10.38 3.17 -8.20
N LEU A 139 9.15 3.23 -8.71
CA LEU A 139 8.70 4.44 -9.39
C LEU A 139 8.53 5.58 -8.41
N ILE A 140 8.94 6.78 -8.81
CA ILE A 140 8.83 8.00 -8.02
C ILE A 140 8.33 9.12 -8.93
N SER A 141 8.10 10.29 -8.35
CA SER A 141 7.71 11.49 -9.10
C SER A 141 6.56 11.21 -10.05
N GLU A 142 5.53 10.56 -9.53
CA GLU A 142 4.34 10.24 -10.31
C GLU A 142 4.71 9.48 -11.59
N GLY A 143 5.54 8.46 -11.44
CA GLY A 143 5.91 7.65 -12.58
C GLY A 143 6.89 8.28 -13.53
N GLN A 144 7.31 9.52 -13.30
CA GLN A 144 8.30 10.16 -14.16
C GLN A 144 9.72 9.73 -13.84
N GLY A 145 9.92 9.03 -12.72
CA GLY A 145 11.26 8.65 -12.33
C GLY A 145 11.27 7.25 -11.75
N PHE A 146 12.46 6.68 -11.72
CA PHE A 146 12.67 5.35 -11.20
C PHE A 146 13.92 5.39 -10.33
N MET A 147 13.77 5.10 -9.04
CA MET A 147 14.89 5.14 -8.09
C MET A 147 15.37 3.71 -7.83
N THR A 148 16.65 3.42 -8.07
CA THR A 148 17.04 2.02 -7.95
C THR A 148 17.14 1.58 -6.49
N ARG A 149 16.89 0.30 -6.30
CA ARG A 149 16.95 -0.31 -4.97
C ARG A 149 18.36 -0.29 -4.41
N GLU A 150 19.38 -0.63 -5.22
CA GLU A 150 20.72 -0.66 -4.66
C GLU A 150 21.23 0.75 -4.36
N PHE A 151 20.79 1.75 -5.12
CA PHE A 151 21.21 3.12 -4.79
C PHE A 151 20.63 3.53 -3.43
N LEU A 152 19.33 3.27 -3.22
CA LEU A 152 18.75 3.54 -1.90
C LEU A 152 19.50 2.80 -0.81
N LYS A 153 19.81 1.52 -1.05
CA LYS A 153 20.50 0.70 -0.05
C LYS A 153 21.89 1.21 0.28
N SER A 154 22.55 1.88 -0.68
CA SER A 154 23.92 2.36 -0.52
C SER A 154 24.01 3.61 0.34
N LEU A 155 22.88 4.25 0.63
CA LEU A 155 22.93 5.55 1.30
C LEU A 155 23.35 5.39 2.76
N ARG A 156 23.92 6.45 3.31
CA ARG A 156 24.47 6.37 4.66
C ARG A 156 23.35 6.03 5.65
N LYS A 157 23.74 5.39 6.75
CA LYS A 157 22.79 5.11 7.80
C LYS A 157 22.24 6.41 8.36
N PRO A 158 20.97 6.42 8.78
CA PRO A 158 20.04 5.28 8.79
C PRO A 158 19.25 5.16 7.49
N PHE A 159 19.45 6.07 6.54
CA PHE A 159 18.59 6.14 5.37
C PHE A 159 18.68 4.88 4.53
N GLY A 160 19.89 4.31 4.44
CA GLY A 160 20.08 3.14 3.57
C GLY A 160 19.31 1.92 4.00
N ASP A 161 18.86 1.88 5.25
CA ASP A 161 18.04 0.78 5.75
C ASP A 161 16.54 1.02 5.65
N PHE A 162 16.10 2.22 5.24
CA PHE A 162 14.67 2.54 5.29
C PHE A 162 13.85 1.63 4.36
N MET A 163 14.33 1.45 3.14
CA MET A 163 13.45 0.88 2.12
C MET A 163 13.71 -0.60 1.82
N GLU A 164 14.91 -1.10 2.09
CA GLU A 164 15.21 -2.47 1.69
C GLU A 164 14.19 -3.50 2.22
N PRO A 165 13.70 -3.43 3.48
CA PRO A 165 12.70 -4.44 3.89
C PRO A 165 11.42 -4.36 3.08
N LYS A 166 11.08 -3.18 2.58
CA LYS A 166 9.90 -3.04 1.72
C LYS A 166 10.14 -3.64 0.34
N PHE A 167 11.36 -3.47 -0.21
CA PHE A 167 11.69 -4.20 -1.45
C PHE A 167 11.65 -5.71 -1.24
N GLU A 168 12.16 -6.19 -0.10
CA GLU A 168 12.15 -7.65 0.11
C GLU A 168 10.73 -8.15 0.13
N PHE A 169 9.85 -7.44 0.84
CA PHE A 169 8.42 -7.75 0.84
C PHE A 169 7.83 -7.68 -0.56
N ALA A 170 8.09 -6.57 -1.28
CA ALA A 170 7.43 -6.39 -2.57
C ALA A 170 7.78 -7.48 -3.57
N VAL A 171 9.04 -7.92 -3.60
CA VAL A 171 9.41 -8.99 -4.50
C VAL A 171 8.60 -10.25 -4.17
N LYS A 172 8.51 -10.59 -2.89
CA LYS A 172 7.73 -11.78 -2.52
C LYS A 172 6.24 -11.60 -2.83
N PHE A 173 5.71 -10.40 -2.54
CA PHE A 173 4.31 -10.12 -2.77
C PHE A 173 4.00 -10.09 -4.27
N ASN A 174 4.86 -9.44 -5.07
CA ASN A 174 4.64 -9.37 -6.50
C ASN A 174 4.78 -10.73 -7.18
N ALA A 175 5.49 -11.68 -6.56
CA ALA A 175 5.61 -13.03 -7.11
C ALA A 175 4.26 -13.76 -7.11
N LEU A 176 3.31 -13.29 -6.32
CA LEU A 176 1.95 -13.84 -6.37
C LEU A 176 1.19 -13.44 -7.65
N GLU A 177 1.64 -12.44 -8.38
CA GLU A 177 1.04 -12.05 -9.67
C GLU A 177 -0.44 -11.66 -9.53
N LEU A 178 -0.76 -10.95 -8.44
CA LEU A 178 -2.12 -10.47 -8.27
C LEU A 178 -2.45 -9.37 -9.27
N ASP A 179 -3.71 -9.31 -9.70
CA ASP A 179 -4.08 -8.16 -10.52
C ASP A 179 -4.96 -7.22 -9.70
N ASP A 180 -5.42 -6.14 -10.36
CA ASP A 180 -6.25 -5.15 -9.66
C ASP A 180 -7.56 -5.74 -9.14
N SER A 181 -8.18 -6.68 -9.90
CA SER A 181 -9.40 -7.29 -9.38
CA SER A 181 -9.39 -7.34 -9.41
C SER A 181 -9.12 -8.07 -8.10
N ASP A 182 -7.98 -8.74 -8.02
CA ASP A 182 -7.61 -9.45 -6.80
C ASP A 182 -7.36 -8.46 -5.68
N LEU A 183 -6.57 -7.42 -6.00
CA LEU A 183 -6.15 -6.47 -4.98
C LEU A 183 -7.36 -5.75 -4.37
N ALA A 184 -8.39 -5.51 -5.16
CA ALA A 184 -9.56 -4.81 -4.65
C ALA A 184 -10.14 -5.57 -3.47
N ILE A 185 -10.25 -6.89 -3.59
CA ILE A 185 -10.82 -7.66 -2.51
C ILE A 185 -9.84 -7.77 -1.36
N PHE A 186 -8.55 -7.94 -1.68
CA PHE A 186 -7.55 -8.07 -0.63
C PHE A 186 -7.54 -6.83 0.25
N ILE A 187 -7.57 -5.67 -0.37
CA ILE A 187 -7.54 -4.42 0.38
C ILE A 187 -8.78 -4.31 1.26
N ALA A 188 -9.96 -4.71 0.76
CA ALA A 188 -11.16 -4.69 1.60
C ALA A 188 -11.03 -5.63 2.79
N VAL A 189 -10.40 -6.80 2.61
CA VAL A 189 -10.15 -7.72 3.71
C VAL A 189 -9.24 -7.09 4.77
N ILE A 190 -8.20 -6.38 4.33
CA ILE A 190 -7.32 -5.69 5.30
C ILE A 190 -8.12 -4.71 6.14
N ILE A 191 -8.98 -3.92 5.48
CA ILE A 191 -9.74 -2.91 6.20
C ILE A 191 -10.64 -3.56 7.24
N LEU A 192 -11.33 -4.63 6.88
CA LEU A 192 -12.28 -5.23 7.81
C LEU A 192 -11.62 -6.21 8.77
N SER A 193 -10.53 -5.80 9.44
CA SER A 193 -9.79 -6.68 10.35
C SER A 193 -10.37 -6.56 11.76
N GLY A 194 -10.98 -7.65 12.26
CA GLY A 194 -11.53 -7.69 13.60
C GLY A 194 -10.51 -7.63 14.73
N ASP A 195 -9.22 -7.76 14.42
CA ASP A 195 -8.18 -7.81 15.46
C ASP A 195 -7.63 -6.44 15.86
N ARG A 196 -8.11 -5.36 15.23
CA ARG A 196 -7.55 -4.05 15.55
C ARG A 196 -7.82 -3.70 17.01
N PRO A 197 -6.85 -3.11 17.69
CA PRO A 197 -7.05 -2.75 19.09
C PRO A 197 -8.07 -1.62 19.22
N GLY A 198 -8.81 -1.64 20.30
CA GLY A 198 -9.77 -0.58 20.54
C GLY A 198 -11.10 -0.68 19.81
N LEU A 199 -11.32 -1.72 18.99
CA LEU A 199 -12.63 -1.90 18.36
C LEU A 199 -13.71 -2.17 19.41
N LEU A 200 -14.87 -1.55 19.21
CA LEU A 200 -15.99 -1.66 20.13
C LEU A 200 -16.89 -2.85 19.83
N ASN A 201 -17.20 -3.10 18.56
CA ASN A 201 -18.15 -4.13 18.15
C ASN A 201 -17.43 -5.02 17.13
N VAL A 202 -16.78 -6.08 17.62
CA VAL A 202 -15.94 -6.88 16.72
C VAL A 202 -16.81 -7.71 15.78
N LYS A 203 -17.93 -8.21 16.27
CA LYS A 203 -18.71 -9.19 15.49
C LYS A 203 -19.25 -8.65 14.16
N PRO A 204 -19.84 -7.45 14.08
CA PRO A 204 -20.28 -6.96 12.76
C PRO A 204 -19.13 -6.78 11.78
N ILE A 205 -17.93 -6.53 12.29
CA ILE A 205 -16.77 -6.41 11.40
C ILE A 205 -16.37 -7.77 10.87
N GLU A 206 -16.37 -8.79 11.72
CA GLU A 206 -16.05 -10.14 11.25
C GLU A 206 -17.12 -10.66 10.31
N ASP A 207 -18.39 -10.30 10.52
CA ASP A 207 -19.43 -10.69 9.57
C ASP A 207 -19.14 -10.19 8.16
N ILE A 208 -18.71 -8.93 8.05
CA ILE A 208 -18.36 -8.41 6.74
C ILE A 208 -17.07 -9.07 6.25
N GLN A 209 -16.08 -9.20 7.13
CA GLN A 209 -14.82 -9.78 6.63
C GLN A 209 -15.03 -11.22 6.16
N ASP A 210 -15.88 -11.97 6.86
CA ASP A 210 -16.19 -13.34 6.43
C ASP A 210 -16.70 -13.35 5.00
N ASN A 211 -17.60 -12.42 4.67
CA ASN A 211 -18.11 -12.30 3.31
C ASN A 211 -17.00 -11.90 2.34
N LEU A 212 -16.13 -10.98 2.72
CA LEU A 212 -15.04 -10.57 1.85
C LEU A 212 -14.06 -11.70 1.62
N LEU A 213 -13.77 -12.46 2.66
CA LEU A 213 -12.85 -13.59 2.52
C LEU A 213 -13.43 -14.65 1.59
N GLN A 214 -14.73 -14.98 1.75
CA GLN A 214 -15.35 -15.90 0.80
C GLN A 214 -15.20 -15.38 -0.62
N ALA A 215 -15.42 -14.07 -0.81
CA ALA A 215 -15.29 -13.50 -2.15
C ALA A 215 -13.85 -13.54 -2.64
N LEU A 216 -12.87 -13.35 -1.75
CA LEU A 216 -11.46 -13.42 -2.16
C LEU A 216 -11.11 -14.85 -2.55
N GLU A 217 -11.52 -15.81 -1.72
CA GLU A 217 -11.18 -17.21 -2.00
C GLU A 217 -11.69 -17.62 -3.38
N LEU A 218 -12.94 -17.26 -3.68
CA LEU A 218 -13.51 -17.58 -4.98
C LEU A 218 -12.78 -16.85 -6.10
N GLN A 219 -12.51 -15.55 -5.91
CA GLN A 219 -11.77 -14.76 -6.89
C GLN A 219 -10.43 -15.41 -7.22
N LEU A 220 -9.69 -15.83 -6.19
CA LEU A 220 -8.37 -16.38 -6.47
C LEU A 220 -8.45 -17.75 -7.14
N LYS A 221 -9.46 -18.56 -6.78
CA LYS A 221 -9.58 -19.84 -7.48
C LYS A 221 -9.93 -19.63 -8.95
N LEU A 222 -10.82 -18.68 -9.24
CA LEU A 222 -11.21 -18.48 -10.63
C LEU A 222 -10.06 -17.86 -11.43
N ASN A 223 -9.29 -16.97 -10.79
CA ASN A 223 -8.35 -16.12 -11.52
C ASN A 223 -6.94 -16.69 -11.55
N HIS A 224 -6.62 -17.69 -10.71
CA HIS A 224 -5.25 -18.18 -10.62
C HIS A 224 -5.20 -19.69 -10.58
N PRO A 225 -5.46 -20.36 -11.71
CA PRO A 225 -5.45 -21.84 -11.71
C PRO A 225 -4.09 -22.40 -11.43
N GLU A 226 -3.03 -21.60 -11.60
CA GLU A 226 -1.64 -22.01 -11.44
C GLU A 226 -1.21 -22.16 -9.99
N SER A 227 -1.98 -21.65 -9.03
CA SER A 227 -1.47 -21.39 -7.67
C SER A 227 -2.42 -21.93 -6.59
N SER A 228 -2.16 -23.16 -6.10
CA SER A 228 -3.18 -23.96 -5.41
C SER A 228 -3.56 -23.39 -4.03
N GLN A 229 -2.59 -22.85 -3.29
CA GLN A 229 -2.82 -22.29 -1.95
C GLN A 229 -2.61 -20.78 -1.97
N LEU A 230 -3.02 -20.12 -3.06
CA LEU A 230 -2.76 -18.68 -3.16
C LEU A 230 -3.49 -17.88 -2.10
N PHE A 231 -4.71 -18.29 -1.75
CA PHE A 231 -5.47 -17.62 -0.68
C PHE A 231 -4.68 -17.62 0.61
N ALA A 232 -4.17 -18.80 1.01
CA ALA A 232 -3.37 -18.88 2.23
C ALA A 232 -2.07 -18.07 2.12
N LYS A 233 -1.39 -18.13 0.95
CA LYS A 233 -0.14 -17.41 0.79
C LYS A 233 -0.37 -15.90 0.86
N LEU A 234 -1.47 -15.44 0.29
CA LEU A 234 -1.80 -14.03 0.32
C LEU A 234 -2.12 -13.58 1.73
N LEU A 235 -2.93 -14.36 2.46
CA LEU A 235 -3.22 -13.97 3.84
C LEU A 235 -1.94 -13.92 4.66
N GLN A 236 -1.01 -14.84 4.40
CA GLN A 236 0.26 -14.81 5.12
C GLN A 236 1.05 -13.55 4.84
N LYS A 237 0.86 -12.93 3.68
CA LYS A 237 1.55 -11.68 3.41
C LYS A 237 1.14 -10.58 4.37
N MET A 238 -0.03 -10.69 5.00
CA MET A 238 -0.38 -9.71 6.02
C MET A 238 0.64 -9.70 7.16
N THR A 239 1.29 -10.84 7.46
CA THR A 239 2.26 -10.81 8.53
C THR A 239 3.43 -9.92 8.18
N ASP A 240 3.88 -9.97 6.92
CA ASP A 240 4.97 -9.11 6.47
C ASP A 240 4.55 -7.66 6.48
N LEU A 241 3.33 -7.37 6.01
CA LEU A 241 2.83 -6.00 6.06
C LEU A 241 2.84 -5.47 7.48
N ARG A 242 2.32 -6.29 8.40
CA ARG A 242 2.25 -5.90 9.80
C ARG A 242 3.66 -5.70 10.38
N GLN A 243 4.61 -6.55 10.00
CA GLN A 243 5.96 -6.37 10.51
C GLN A 243 6.53 -5.03 10.05
N ILE A 244 6.37 -4.72 8.76
CA ILE A 244 6.91 -3.46 8.24
C ILE A 244 6.31 -2.26 8.98
N VAL A 245 4.99 -2.26 9.16
CA VAL A 245 4.34 -1.17 9.90
C VAL A 245 4.89 -1.07 11.30
N THR A 246 4.98 -2.23 11.99
CA THR A 246 5.44 -2.22 13.38
C THR A 246 6.88 -1.71 13.47
N GLU A 247 7.67 -2.01 12.46
CA GLU A 247 9.08 -1.61 12.50
C GLU A 247 9.24 -0.11 12.35
N HIS A 248 8.29 0.54 11.69
CA HIS A 248 8.45 1.97 11.50
C HIS A 248 8.66 2.69 12.83
N VAL A 249 8.04 2.20 13.91
CA VAL A 249 8.29 2.77 15.23
C VAL A 249 9.75 2.61 15.65
N GLN A 250 10.40 1.54 15.21
CA GLN A 250 11.81 1.36 15.54
C GLN A 250 12.73 2.19 14.65
N LEU A 251 12.32 2.47 13.41
CA LEU A 251 13.09 3.42 12.62
C LEU A 251 13.18 4.74 13.35
N LEU A 252 12.08 5.16 13.98
CA LEU A 252 12.07 6.41 14.72
C LEU A 252 13.04 6.37 15.90
N GLN A 253 13.21 5.20 16.53
CA GLN A 253 14.16 5.10 17.62
C GLN A 253 15.60 5.06 17.12
N VAL A 254 15.85 4.34 16.03
CA VAL A 254 17.17 4.35 15.40
C VAL A 254 17.62 5.78 15.09
N ILE A 255 16.69 6.64 14.65
CA ILE A 255 17.04 8.00 14.30
C ILE A 255 17.41 8.81 15.54
N LYS A 256 16.63 8.68 16.61
CA LYS A 256 16.95 9.37 17.86
C LYS A 256 18.36 8.99 18.34
N LYS A 257 18.70 7.70 18.26
CA LYS A 257 19.95 7.20 18.80
C LYS A 257 21.13 7.32 17.83
N THR A 258 20.89 7.69 16.57
CA THR A 258 21.98 7.84 15.60
C THR A 258 22.77 9.10 15.94
N GLU A 259 23.96 8.91 16.51
CA GLU A 259 24.85 10.01 16.89
C GLU A 259 25.60 10.60 15.71
N THR A 260 25.49 9.99 14.53
CA THR A 260 26.27 10.37 13.37
C THR A 260 25.59 11.49 12.58
N ASP A 261 26.32 12.00 11.59
CA ASP A 261 25.78 13.01 10.69
C ASP A 261 24.71 12.40 9.80
N MET A 262 23.56 13.06 9.73
CA MET A 262 22.44 12.58 8.93
C MET A 262 22.04 13.60 7.86
N SER A 263 22.99 14.37 7.35
CA SER A 263 22.70 15.18 6.18
C SER A 263 22.40 14.26 5.00
N LEU A 264 21.64 14.78 4.04
CA LEU A 264 21.25 13.99 2.88
C LEU A 264 20.98 14.97 1.74
N HIS A 265 21.45 14.61 0.55
CA HIS A 265 21.29 15.49 -0.60
C HIS A 265 19.83 15.93 -0.70
N PRO A 266 19.56 17.23 -0.90
CA PRO A 266 18.16 17.69 -1.00
C PRO A 266 17.31 16.90 -1.99
N LEU A 267 17.88 16.51 -3.13
CA LEU A 267 17.06 15.77 -4.09
C LEU A 267 16.76 14.37 -3.58
N LEU A 268 17.66 13.79 -2.78
CA LEU A 268 17.34 12.51 -2.16
C LEU A 268 16.25 12.68 -1.10
N GLN A 269 16.27 13.82 -0.37
CA GLN A 269 15.21 14.09 0.58
C GLN A 269 13.85 14.15 -0.11
N GLU A 270 13.80 14.77 -1.29
CA GLU A 270 12.52 14.87 -1.99
C GLU A 270 12.09 13.52 -2.57
N ILE A 271 13.04 12.68 -2.98
CA ILE A 271 12.68 11.36 -3.48
C ILE A 271 12.09 10.52 -2.35
N TYR A 272 12.72 10.58 -1.17
CA TYR A 272 12.21 9.83 -0.03
C TYR A 272 10.80 10.27 0.35
N LYS A 273 10.49 11.54 0.16
CA LYS A 273 9.14 12.01 0.48
C LYS A 273 8.11 11.36 -0.41
N ASP A 274 8.52 10.78 -1.54
CA ASP A 274 7.61 10.06 -2.41
C ASP A 274 7.41 8.62 -1.98
N LEU A 275 8.10 8.16 -0.95
CA LEU A 275 8.08 6.75 -0.56
C LEU A 275 7.26 6.60 0.73
N TYR A 276 7.49 5.53 1.48
CA TYR A 276 6.69 5.26 2.70
C TYR A 276 7.40 4.24 3.54
N SER B 4 0.64 12.22 11.70
CA SER B 4 0.61 11.73 13.08
C SER B 4 -0.63 10.86 13.30
N ASN B 5 -0.69 10.17 14.44
CA ASN B 5 -1.90 9.42 14.78
C ASN B 5 -3.10 10.36 14.91
N LEU B 6 -2.98 11.42 15.73
CA LEU B 6 -4.08 12.36 15.88
C LEU B 6 -4.36 13.11 14.57
N GLY B 7 -3.31 13.51 13.85
CA GLY B 7 -3.50 14.07 12.52
C GLY B 7 -4.13 13.08 11.56
N LEU B 8 -3.68 11.82 11.60
CA LEU B 8 -4.25 10.82 10.69
C LEU B 8 -5.71 10.55 11.01
N GLU B 9 -6.05 10.43 12.30
CA GLU B 9 -7.45 10.21 12.65
C GLU B 9 -8.32 11.34 12.12
N ASP B 10 -7.82 12.57 12.19
CA ASP B 10 -8.62 13.72 11.73
C ASP B 10 -8.79 13.70 10.22
N ILE B 11 -7.75 13.27 9.50
CA ILE B 11 -7.88 13.11 8.06
C ILE B 11 -8.97 12.10 7.73
N ILE B 12 -8.97 10.96 8.44
CA ILE B 12 -9.93 9.91 8.17
C ILE B 12 -11.33 10.36 8.51
N ARG B 13 -11.49 10.98 9.67
CA ARG B 13 -12.80 11.46 10.10
C ARG B 13 -13.38 12.45 9.09
N LYS B 14 -12.56 13.39 8.63
CA LYS B 14 -13.02 14.34 7.62
C LYS B 14 -13.39 13.62 6.33
N ALA B 15 -12.57 12.66 5.92
CA ALA B 15 -12.84 11.92 4.70
C ALA B 15 -14.12 11.10 4.81
N LEU B 16 -14.44 10.58 6.01
CA LEU B 16 -15.69 9.86 6.18
C LEU B 16 -16.90 10.77 6.13
N MET B 17 -16.71 12.06 6.34
CA MET B 17 -17.83 12.99 6.24
C MET B 17 -18.36 12.98 4.80
#